data_1IA1
#
_entry.id   1IA1
#
_cell.length_a   76.91
_cell.length_b   67.28
_cell.length_c   38.49
_cell.angle_alpha   90.00
_cell.angle_beta   93.07
_cell.angle_gamma   90.00
#
_symmetry.space_group_name_H-M   'P 1 21 1'
#
loop_
_entity.id
_entity.type
_entity.pdbx_description
1 polymer 'DIHYDROFOLATE REDUCTASE'
2 non-polymer 'PHOSPHATE ION'
3 non-polymer 'NADPH DIHYDRO-NICOTINAMIDE-ADENINE-DINUCLEOTIDE PHOSPHATE'
4 non-polymer 5-PHENYLSULFANYL-2,4-QUINAZOLINEDIAMINE
5 water water
#
_entity_poly.entity_id   1
_entity_poly.type   'polypeptide(L)'
_entity_poly.pdbx_seq_one_letter_code
;MLKPNVAIIVAALKPALGIGYKGKMPWRLRKEIRYFKDVTTRTTKPNTRNAVIMGRKTWESIPQKFRPLPDRLNIILSRS
YENEIIDDNIIHASSIESSLNLVSDVERVFIIGGAEIYNELINNSLVSHLLITEIEHPSPESIEMDTFLKFPLESWTKQP
KSELQKFVGDTVLEDDIKEGDFTYNYTLWTRK
;
_entity_poly.pdbx_strand_id   A,B
#
loop_
_chem_comp.id
_chem_comp.type
_chem_comp.name
_chem_comp.formula
NDP non-polymer 'NADPH DIHYDRO-NICOTINAMIDE-ADENINE-DINUCLEOTIDE PHOSPHATE' 'C21 H30 N7 O17 P3'
PO4 non-polymer 'PHOSPHATE ION' 'O4 P -3'
TQ3 non-polymer 5-PHENYLSULFANYL-2,4-QUINAZOLINEDIAMINE 'C14 H12 N4 S'
#
# COMPACT_ATOMS: atom_id res chain seq x y z
N MET A 1 11.95 -11.83 4.91
CA MET A 1 10.57 -11.31 4.53
C MET A 1 10.83 -10.09 3.65
N LEU A 2 10.24 -10.07 2.45
CA LEU A 2 10.45 -8.98 1.48
C LEU A 2 9.25 -8.04 1.54
N LYS A 3 9.55 -6.76 1.75
CA LYS A 3 8.54 -5.71 1.76
C LYS A 3 7.21 -6.03 2.39
N PRO A 4 7.22 -6.40 3.70
CA PRO A 4 5.97 -6.64 4.44
C PRO A 4 5.24 -5.29 4.65
N ASN A 5 3.96 -5.35 4.90
CA ASN A 5 3.14 -4.16 5.25
C ASN A 5 3.43 -3.98 6.74
N VAL A 6 3.74 -2.80 7.21
CA VAL A 6 4.07 -2.68 8.68
C VAL A 6 3.05 -1.71 9.25
N ALA A 7 2.71 -1.92 10.51
CA ALA A 7 1.76 -1.06 11.21
C ALA A 7 2.44 -0.35 12.39
N ILE A 8 2.08 0.90 12.62
CA ILE A 8 2.59 1.58 13.83
C ILE A 8 1.39 1.43 14.84
N ILE A 9 1.79 1.17 16.11
CA ILE A 9 0.75 1.11 17.19
C ILE A 9 1.28 2.04 18.27
N VAL A 10 0.39 2.99 18.68
CA VAL A 10 0.76 4.00 19.69
C VAL A 10 -0.47 4.49 20.45
N ALA A 11 -0.22 4.99 21.64
CA ALA A 11 -1.33 5.66 22.44
C ALA A 11 -0.96 7.13 22.58
N ALA A 12 -1.86 8.03 22.16
CA ALA A 12 -1.49 9.50 22.25
C ALA A 12 -2.64 10.31 22.81
N LEU A 13 -2.25 11.37 23.54
CA LEU A 13 -3.22 12.30 24.14
C LEU A 13 -3.51 13.44 23.17
N LYS A 14 -4.79 13.59 22.88
CA LYS A 14 -5.26 14.67 21.97
C LYS A 14 -5.33 15.98 22.78
N PRO A 15 -5.19 17.11 22.08
CA PRO A 15 -5.05 17.26 20.65
C PRO A 15 -3.63 17.33 20.12
N ALA A 16 -2.68 17.48 21.00
CA ALA A 16 -1.27 17.64 20.67
C ALA A 16 -0.55 16.36 20.31
N LEU A 17 -1.19 15.22 20.62
CA LEU A 17 -0.51 13.92 20.34
C LEU A 17 0.72 13.73 21.17
N GLY A 18 0.59 14.02 22.47
CA GLY A 18 1.70 13.78 23.43
C GLY A 18 1.73 12.25 23.70
N ILE A 19 2.90 11.73 23.85
CA ILE A 19 3.14 10.31 24.07
C ILE A 19 4.06 9.97 25.21
N GLY A 20 4.74 10.93 25.82
CA GLY A 20 5.69 10.56 26.92
C GLY A 20 6.15 11.81 27.67
N TYR A 21 6.79 11.50 28.78
CA TYR A 21 7.35 12.48 29.71
C TYR A 21 8.56 11.89 30.40
N LYS A 22 9.71 12.53 30.20
CA LYS A 22 10.95 12.05 30.83
C LYS A 22 11.13 10.56 30.81
N GLY A 23 11.02 9.99 29.60
CA GLY A 23 11.25 8.59 29.30
C GLY A 23 10.18 7.62 29.67
N LYS A 24 9.06 8.12 30.19
CA LYS A 24 7.96 7.21 30.59
C LYS A 24 6.65 7.62 29.95
N MET A 25 5.65 6.73 30.06
CA MET A 25 4.29 7.09 29.55
C MET A 25 3.65 7.90 30.70
N PRO A 26 2.92 8.91 30.34
CA PRO A 26 2.27 9.83 31.24
C PRO A 26 0.97 9.35 31.88
N TRP A 27 0.63 8.09 31.76
CA TRP A 27 -0.62 7.49 32.20
C TRP A 27 -0.41 5.99 32.33
N ARG A 28 -1.31 5.36 33.04
CA ARG A 28 -1.27 3.88 33.18
C ARG A 28 -2.75 3.50 32.90
N LEU A 29 -3.00 3.08 31.69
CA LEU A 29 -4.38 2.71 31.26
C LEU A 29 -4.33 1.20 31.17
N ARG A 30 -4.89 0.54 32.18
CA ARG A 30 -4.85 -0.94 32.24
C ARG A 30 -5.47 -1.66 31.08
N LYS A 31 -6.64 -1.22 30.66
CA LYS A 31 -7.32 -1.87 29.53
C LYS A 31 -6.53 -1.68 28.24
N GLU A 32 -5.96 -0.52 28.10
CA GLU A 32 -5.18 -0.20 26.81
C GLU A 32 -4.00 -1.09 26.70
N ILE A 33 -3.28 -1.29 27.81
CA ILE A 33 -2.16 -2.20 27.84
C ILE A 33 -2.61 -3.61 27.40
N ARG A 34 -3.74 -4.05 27.90
CA ARG A 34 -4.20 -5.45 27.47
C ARG A 34 -4.52 -5.48 26.00
N TYR A 35 -5.12 -4.45 25.43
CA TYR A 35 -5.40 -4.35 23.98
C TYR A 35 -4.05 -4.46 23.23
N PHE A 36 -3.12 -3.63 23.64
CA PHE A 36 -1.75 -3.64 23.01
C PHE A 36 -1.25 -5.09 22.95
N LYS A 37 -1.30 -5.78 24.06
CA LYS A 37 -0.82 -7.17 24.17
C LYS A 37 -1.56 -8.10 23.22
N ASP A 38 -2.88 -8.02 23.25
CA ASP A 38 -3.69 -8.89 22.35
C ASP A 38 -3.39 -8.61 20.87
N VAL A 39 -3.43 -7.30 20.53
CA VAL A 39 -3.21 -7.01 19.09
C VAL A 39 -1.87 -7.48 18.59
N THR A 40 -0.81 -7.19 19.34
CA THR A 40 0.55 -7.51 18.88
C THR A 40 0.87 -8.99 18.99
N THR A 41 0.11 -9.72 19.80
CA THR A 41 0.37 -11.16 19.93
C THR A 41 -0.45 -12.01 19.01
N ARG A 42 -1.73 -11.74 18.81
CA ARG A 42 -2.60 -12.61 17.98
C ARG A 42 -2.17 -12.75 16.51
N THR A 43 -2.28 -14.02 16.04
CA THR A 43 -2.02 -14.41 14.65
C THR A 43 -3.17 -15.32 14.14
N THR A 44 -3.27 -15.44 12.84
CA THR A 44 -4.30 -16.22 12.12
C THR A 44 -3.72 -17.54 11.61
N LYS A 45 -2.52 -17.44 11.11
CA LYS A 45 -1.72 -18.54 10.56
C LYS A 45 -1.24 -19.43 11.70
N PRO A 46 -0.85 -20.65 11.32
CA PRO A 46 -0.49 -21.68 12.26
C PRO A 46 0.78 -21.59 13.06
N ASN A 47 1.90 -21.63 12.35
CA ASN A 47 3.19 -21.65 13.09
C ASN A 47 3.82 -20.29 12.96
N THR A 48 2.97 -19.26 13.08
CA THR A 48 3.54 -17.89 12.95
C THR A 48 3.51 -17.16 14.28
N ARG A 49 4.22 -16.03 14.26
CA ARG A 49 4.31 -15.09 15.37
C ARG A 49 4.32 -13.66 14.70
N ASN A 50 4.05 -12.71 15.56
CA ASN A 50 4.19 -11.30 15.00
C ASN A 50 5.58 -10.79 15.48
N ALA A 51 6.02 -9.72 14.83
CA ALA A 51 7.30 -9.09 15.22
C ALA A 51 6.95 -7.70 15.76
N VAL A 52 7.71 -7.30 16.79
CA VAL A 52 7.52 -5.93 17.36
C VAL A 52 8.90 -5.25 17.21
N ILE A 53 8.85 -4.07 16.71
CA ILE A 53 10.16 -3.35 16.49
C ILE A 53 10.13 -2.14 17.41
N MET A 54 11.30 -1.91 18.06
CA MET A 54 11.36 -0.73 18.95
C MET A 54 12.75 -0.08 18.89
N GLY A 55 12.85 1.11 19.35
CA GLY A 55 14.18 1.79 19.45
C GLY A 55 14.87 1.32 20.73
N ARG A 56 16.19 1.54 20.74
CA ARG A 56 17.03 1.08 21.86
C ARG A 56 16.56 1.63 23.17
N LYS A 57 16.21 2.90 23.20
CA LYS A 57 15.77 3.51 24.49
C LYS A 57 14.51 2.85 25.03
N THR A 58 13.56 2.53 24.20
CA THR A 58 12.34 1.82 24.63
C THR A 58 12.71 0.46 25.21
N TRP A 59 13.52 -0.29 24.49
CA TRP A 59 13.98 -1.60 24.98
C TRP A 59 14.56 -1.44 26.42
N GLU A 60 15.52 -0.54 26.57
CA GLU A 60 16.17 -0.33 27.83
C GLU A 60 15.25 0.11 28.95
N SER A 61 14.08 0.65 28.60
CA SER A 61 13.11 1.06 29.61
C SER A 61 12.38 -0.13 30.18
N ILE A 62 12.42 -1.30 29.55
CA ILE A 62 11.69 -2.47 30.12
C ILE A 62 12.67 -3.07 31.15
N PRO A 63 12.15 -3.41 32.32
CA PRO A 63 13.04 -4.01 33.38
C PRO A 63 13.62 -5.29 32.80
N GLN A 64 14.89 -5.54 33.00
CA GLN A 64 15.58 -6.70 32.36
C GLN A 64 14.87 -8.00 32.44
N LYS A 65 14.20 -8.25 33.56
CA LYS A 65 13.46 -9.49 33.87
C LYS A 65 12.21 -9.61 33.04
N PHE A 66 11.69 -8.53 32.45
CA PHE A 66 10.47 -8.58 31.66
C PHE A 66 10.66 -8.42 30.15
N ARG A 67 11.91 -8.59 29.74
CA ARG A 67 12.25 -8.54 28.29
C ARG A 67 12.90 -9.84 27.94
N PRO A 68 12.77 -10.37 26.75
CA PRO A 68 11.98 -9.77 25.64
C PRO A 68 10.48 -9.83 25.95
N LEU A 69 9.71 -9.05 25.13
CA LEU A 69 8.21 -9.20 25.31
C LEU A 69 7.88 -10.62 24.86
N PRO A 70 7.12 -11.36 25.66
CA PRO A 70 6.81 -12.73 25.33
C PRO A 70 5.88 -12.85 24.14
N ASP A 71 6.08 -13.99 23.44
CA ASP A 71 5.26 -14.47 22.39
C ASP A 71 5.38 -13.71 21.06
N ARG A 72 6.32 -12.76 21.05
CA ARG A 72 6.53 -11.99 19.79
C ARG A 72 8.02 -11.97 19.53
N LEU A 73 8.32 -11.93 18.20
CA LEU A 73 9.75 -11.71 17.86
C LEU A 73 10.06 -10.23 18.22
N ASN A 74 11.16 -10.01 18.98
CA ASN A 74 11.51 -8.64 19.34
C ASN A 74 12.70 -8.14 18.46
N ILE A 75 12.49 -6.98 17.87
CA ILE A 75 13.56 -6.38 17.06
C ILE A 75 13.90 -5.03 17.68
N ILE A 76 15.20 -4.81 17.91
CA ILE A 76 15.60 -3.56 18.54
C ILE A 76 16.56 -2.85 17.56
N LEU A 77 16.27 -1.59 17.30
CA LEU A 77 17.11 -0.81 16.39
C LEU A 77 18.01 0.18 17.17
N SER A 78 19.24 0.21 16.68
CA SER A 78 20.22 1.22 17.19
C SER A 78 21.10 1.46 15.93
N ARG A 79 21.53 2.68 15.80
CA ARG A 79 22.50 3.00 14.69
C ARG A 79 23.83 2.32 14.92
N SER A 80 24.15 1.96 16.14
CA SER A 80 25.39 1.24 16.51
C SER A 80 25.32 -0.27 16.32
N TYR A 81 24.12 -0.82 16.07
CA TYR A 81 24.07 -2.26 15.95
C TYR A 81 24.43 -2.88 14.63
N GLU A 82 25.07 -4.07 14.77
CA GLU A 82 25.28 -4.90 13.55
C GLU A 82 24.01 -5.71 13.38
N ASN A 83 23.70 -6.19 12.22
CA ASN A 83 22.45 -7.00 11.98
C ASN A 83 22.78 -8.38 12.52
N GLU A 84 22.17 -8.75 13.67
CA GLU A 84 22.56 -9.98 14.36
C GLU A 84 21.33 -10.63 15.01
N ILE A 85 21.26 -11.95 14.84
CA ILE A 85 20.18 -12.70 15.54
C ILE A 85 20.80 -13.03 16.91
N ILE A 86 20.19 -12.49 17.96
CA ILE A 86 20.68 -12.84 19.33
C ILE A 86 20.26 -14.25 19.69
N ASP A 87 18.94 -14.48 19.66
CA ASP A 87 18.31 -15.80 19.94
C ASP A 87 17.04 -15.82 19.08
N ASP A 88 16.22 -16.83 19.27
CA ASP A 88 14.97 -16.94 18.49
C ASP A 88 13.99 -15.80 18.73
N ASN A 89 14.13 -15.06 19.83
CA ASN A 89 13.20 -13.99 20.16
C ASN A 89 13.75 -12.59 20.04
N ILE A 90 15.03 -12.46 19.81
CA ILE A 90 15.66 -11.13 19.79
C ILE A 90 16.63 -11.01 18.57
N ILE A 91 16.35 -9.92 17.89
CA ILE A 91 17.17 -9.48 16.75
C ILE A 91 17.66 -8.06 16.98
N HIS A 92 18.87 -7.83 16.62
CA HIS A 92 19.52 -6.47 16.63
C HIS A 92 19.69 -6.03 15.18
N ALA A 93 19.42 -4.77 14.91
CA ALA A 93 19.56 -4.26 13.52
C ALA A 93 19.74 -2.77 13.53
N SER A 94 20.24 -2.20 12.43
CA SER A 94 20.42 -0.74 12.33
C SER A 94 19.39 -0.08 11.42
N SER A 95 18.54 -0.89 10.78
CA SER A 95 17.46 -0.40 9.95
C SER A 95 16.34 -1.45 9.89
N ILE A 96 15.14 -0.88 9.75
CA ILE A 96 13.93 -1.75 9.70
C ILE A 96 14.06 -2.76 8.60
N GLU A 97 14.37 -2.26 7.37
CA GLU A 97 14.41 -3.19 6.23
C GLU A 97 15.40 -4.30 6.38
N SER A 98 16.58 -3.93 6.85
CA SER A 98 17.63 -4.89 7.15
C SER A 98 17.18 -5.95 8.15
N SER A 99 16.47 -5.52 9.19
CA SER A 99 16.01 -6.45 10.25
C SER A 99 15.06 -7.50 9.67
N LEU A 100 14.18 -7.04 8.76
CA LEU A 100 13.15 -7.88 8.15
C LEU A 100 13.70 -8.97 7.25
N ASN A 101 14.91 -8.77 6.76
CA ASN A 101 15.61 -9.78 5.95
C ASN A 101 15.98 -10.99 6.78
N LEU A 102 16.08 -10.79 8.09
CA LEU A 102 16.47 -11.85 9.03
C LEU A 102 15.29 -12.68 9.54
N VAL A 103 14.10 -12.24 9.14
CA VAL A 103 12.92 -12.99 9.67
C VAL A 103 12.19 -13.80 8.60
N SER A 104 11.64 -14.89 9.10
CA SER A 104 10.75 -15.82 8.38
C SER A 104 9.70 -16.28 9.43
N ASP A 105 8.54 -16.72 8.97
CA ASP A 105 7.47 -17.23 9.85
C ASP A 105 6.91 -16.13 10.75
N VAL A 106 6.79 -14.95 10.15
CA VAL A 106 6.18 -13.81 10.84
C VAL A 106 4.89 -13.46 10.08
N GLU A 107 3.86 -13.19 10.85
CA GLU A 107 2.60 -12.79 10.21
C GLU A 107 2.55 -11.25 10.07
N ARG A 108 2.41 -10.53 11.12
CA ARG A 108 2.40 -9.04 11.05
C ARG A 108 3.63 -8.46 11.76
N VAL A 109 3.88 -7.21 11.39
CA VAL A 109 5.02 -6.46 11.96
C VAL A 109 4.46 -5.13 12.46
N PHE A 110 4.77 -4.87 13.73
CA PHE A 110 4.30 -3.63 14.40
C PHE A 110 5.52 -2.85 14.86
N ILE A 111 5.48 -1.56 14.66
CA ILE A 111 6.48 -0.64 15.27
C ILE A 111 5.79 -0.13 16.61
N ILE A 112 6.51 -0.39 17.70
CA ILE A 112 5.90 -0.04 19.01
C ILE A 112 6.46 1.14 19.74
N GLY A 113 7.42 1.84 19.11
CA GLY A 113 8.00 3.04 19.68
C GLY A 113 9.48 3.02 19.78
N GLY A 114 10.09 4.07 20.34
CA GLY A 114 9.44 5.27 20.86
C GLY A 114 9.37 6.42 19.87
N ALA A 115 9.40 7.64 20.43
CA ALA A 115 9.19 8.86 19.64
C ALA A 115 10.09 9.06 18.45
N GLU A 116 11.38 8.83 18.64
CA GLU A 116 12.31 9.02 17.50
C GLU A 116 12.02 8.05 16.40
N ILE A 117 11.79 6.80 16.84
CA ILE A 117 11.40 5.70 15.92
C ILE A 117 10.13 6.08 15.19
N TYR A 118 9.10 6.45 15.93
CA TYR A 118 7.83 6.80 15.28
C TYR A 118 7.99 7.96 14.28
N ASN A 119 8.63 9.00 14.68
CA ASN A 119 8.72 10.26 13.93
C ASN A 119 9.55 10.12 12.63
N GLU A 120 10.43 9.18 12.63
CA GLU A 120 11.26 8.84 11.48
C GLU A 120 10.57 7.88 10.54
N LEU A 121 10.05 6.75 11.12
CA LEU A 121 9.46 5.69 10.40
C LEU A 121 8.10 5.91 9.79
N ILE A 122 7.43 6.95 10.23
CA ILE A 122 6.11 7.29 9.64
C ILE A 122 6.33 7.63 8.15
N ASN A 123 7.55 8.12 7.81
CA ASN A 123 7.74 8.50 6.40
C ASN A 123 8.30 7.35 5.57
N ASN A 124 8.36 6.17 6.07
CA ASN A 124 8.88 4.98 5.35
C ASN A 124 7.66 4.36 4.68
N SER A 125 7.71 4.20 3.34
CA SER A 125 6.56 3.66 2.62
C SER A 125 6.19 2.24 3.00
N LEU A 126 7.00 1.50 3.76
CA LEU A 126 6.62 0.17 4.24
C LEU A 126 5.44 0.35 5.23
N VAL A 127 5.42 1.47 5.91
CA VAL A 127 4.32 1.71 6.89
C VAL A 127 2.99 1.92 6.16
N SER A 128 2.03 1.01 6.35
CA SER A 128 0.75 1.10 5.67
C SER A 128 -0.42 1.34 6.61
N HIS A 129 -0.25 1.08 7.93
CA HIS A 129 -1.38 1.24 8.82
C HIS A 129 -0.91 1.91 10.13
N LEU A 130 -1.82 2.75 10.66
CA LEU A 130 -1.57 3.34 11.98
C LEU A 130 -2.73 2.88 12.88
N LEU A 131 -2.29 2.29 14.00
CA LEU A 131 -3.27 1.94 15.07
C LEU A 131 -2.97 2.94 16.18
N ILE A 132 -3.81 3.94 16.27
CA ILE A 132 -3.71 5.00 17.24
C ILE A 132 -4.80 4.95 18.28
N THR A 133 -4.33 4.78 19.52
CA THR A 133 -5.40 4.90 20.63
C THR A 133 -5.49 6.42 20.90
N GLU A 134 -6.68 6.97 20.70
CA GLU A 134 -6.84 8.43 20.90
C GLU A 134 -7.40 8.66 22.29
N ILE A 135 -6.56 9.28 23.12
CA ILE A 135 -6.87 9.56 24.51
C ILE A 135 -7.37 11.00 24.66
N GLU A 136 -8.38 11.11 25.54
CA GLU A 136 -8.90 12.49 25.85
C GLU A 136 -8.92 12.68 27.34
N HIS A 137 -8.73 13.92 27.74
CA HIS A 137 -8.76 14.29 29.22
C HIS A 137 -9.40 15.70 29.27
N PRO A 138 -10.09 16.01 30.36
CA PRO A 138 -10.74 17.33 30.48
C PRO A 138 -9.75 18.49 30.52
N SER A 139 -8.56 18.26 31.01
CA SER A 139 -7.52 19.33 31.10
C SER A 139 -6.20 18.75 30.63
N PRO A 140 -6.10 18.61 29.30
CA PRO A 140 -4.92 17.99 28.67
C PRO A 140 -3.68 18.75 29.05
N GLU A 141 -3.89 20.06 29.16
CA GLU A 141 -2.84 21.04 29.53
C GLU A 141 -2.81 21.14 31.04
N SER A 142 -2.47 20.03 31.66
CA SER A 142 -2.30 19.74 33.06
C SER A 142 -1.44 18.47 33.18
N ILE A 143 -1.41 17.75 32.05
CA ILE A 143 -0.59 16.54 31.96
C ILE A 143 0.76 16.92 31.33
N GLU A 144 1.76 16.77 32.18
CA GLU A 144 3.12 17.12 31.75
C GLU A 144 3.66 16.10 30.77
N MET A 145 4.12 16.68 29.66
CA MET A 145 4.71 15.89 28.58
C MET A 145 5.73 16.70 27.77
N ASP A 146 6.70 15.92 27.30
CA ASP A 146 7.84 16.47 26.58
C ASP A 146 8.05 15.86 25.23
N THR A 147 7.24 14.89 24.86
CA THR A 147 7.45 14.07 23.61
C THR A 147 6.17 13.94 22.85
N PHE A 148 6.18 14.24 21.56
CA PHE A 148 4.95 14.28 20.77
C PHE A 148 5.16 13.61 19.41
N LEU A 149 4.04 13.16 18.87
CA LEU A 149 4.12 12.59 17.49
C LEU A 149 4.16 13.80 16.55
N LYS A 150 4.91 13.63 15.49
CA LYS A 150 4.90 14.63 14.38
C LYS A 150 4.53 13.81 13.15
N PHE A 151 3.22 13.50 13.07
CA PHE A 151 2.70 12.68 11.98
C PHE A 151 1.93 13.55 10.97
N PRO A 152 2.18 13.28 9.71
CA PRO A 152 1.48 14.09 8.65
C PRO A 152 0.13 13.51 8.41
N LEU A 153 -0.80 13.68 9.35
CA LEU A 153 -2.13 13.08 9.28
C LEU A 153 -2.97 13.53 8.12
N GLU A 154 -2.60 14.65 7.49
CA GLU A 154 -3.36 15.07 6.28
C GLU A 154 -3.20 14.14 5.14
N SER A 155 -2.23 13.24 5.13
CA SER A 155 -1.99 12.23 4.12
C SER A 155 -2.60 10.87 4.47
N TRP A 156 -3.30 10.81 5.60
CA TRP A 156 -3.87 9.51 6.05
C TRP A 156 -5.38 9.63 6.23
N THR A 157 -6.06 8.50 6.16
CA THR A 157 -7.51 8.51 6.34
C THR A 157 -7.88 7.62 7.56
N LYS A 158 -8.69 8.26 8.42
CA LYS A 158 -9.15 7.43 9.57
C LYS A 158 -10.29 6.54 9.05
N GLN A 159 -10.17 5.23 9.24
CA GLN A 159 -11.21 4.28 8.79
C GLN A 159 -12.33 4.12 9.81
N PRO A 160 -13.48 3.61 9.32
CA PRO A 160 -14.62 3.32 10.22
C PRO A 160 -14.26 2.19 11.18
N LYS A 161 -15.00 2.11 12.31
CA LYS A 161 -14.72 1.05 13.28
C LYS A 161 -14.78 -0.35 12.66
N SER A 162 -15.64 -0.58 11.67
CA SER A 162 -15.76 -1.86 11.02
C SER A 162 -14.42 -2.32 10.40
N GLU A 163 -13.67 -1.39 9.86
CA GLU A 163 -12.33 -1.77 9.26
C GLU A 163 -11.32 -2.11 10.37
N LEU A 164 -11.36 -1.40 11.49
CA LEU A 164 -10.53 -1.71 12.63
C LEU A 164 -10.88 -3.14 13.11
N GLN A 165 -12.17 -3.39 13.26
CA GLN A 165 -12.61 -4.71 13.80
C GLN A 165 -12.07 -5.84 12.96
N LYS A 166 -12.17 -5.65 11.67
CA LYS A 166 -11.66 -6.62 10.67
C LYS A 166 -10.14 -6.77 10.85
N PHE A 167 -9.43 -5.70 11.12
CA PHE A 167 -7.97 -5.76 11.30
C PHE A 167 -7.59 -6.56 12.53
N VAL A 168 -8.26 -6.36 13.63
CA VAL A 168 -7.95 -6.99 14.91
C VAL A 168 -8.56 -8.36 15.04
N GLY A 169 -9.52 -8.72 14.21
CA GLY A 169 -10.15 -10.04 14.24
C GLY A 169 -11.07 -10.20 15.44
N ASP A 170 -10.74 -11.13 16.31
CA ASP A 170 -11.39 -11.50 17.54
C ASP A 170 -11.55 -10.51 18.68
N THR A 171 -10.56 -9.69 18.89
CA THR A 171 -10.42 -8.71 19.92
C THR A 171 -11.67 -7.85 20.11
N VAL A 172 -12.05 -7.79 21.38
CA VAL A 172 -13.24 -7.00 21.82
C VAL A 172 -12.79 -5.54 21.78
N LEU A 173 -13.62 -4.75 21.15
CA LEU A 173 -13.36 -3.31 21.02
C LEU A 173 -14.50 -2.50 21.64
N GLU A 174 -14.21 -2.10 22.86
CA GLU A 174 -15.16 -1.26 23.64
C GLU A 174 -14.97 0.18 23.20
N ASP A 175 -16.01 0.95 23.30
CA ASP A 175 -16.05 2.36 22.92
C ASP A 175 -15.98 3.25 24.15
N ASP A 176 -15.35 4.42 24.04
CA ASP A 176 -15.28 5.39 25.10
C ASP A 176 -14.90 4.83 26.44
N ILE A 177 -13.80 4.09 26.45
CA ILE A 177 -13.24 3.47 27.65
C ILE A 177 -12.75 4.60 28.57
N LYS A 178 -13.24 4.46 29.80
CA LYS A 178 -12.88 5.51 30.81
C LYS A 178 -12.08 4.86 31.91
N GLU A 179 -11.03 5.51 32.26
CA GLU A 179 -10.09 5.13 33.32
C GLU A 179 -9.58 6.41 33.99
N GLY A 180 -10.12 6.64 35.22
CA GLY A 180 -9.72 7.90 35.92
C GLY A 180 -10.40 9.01 35.08
N ASP A 181 -9.62 10.04 34.78
CA ASP A 181 -10.17 11.14 33.99
C ASP A 181 -10.00 10.93 32.49
N PHE A 182 -9.29 9.90 32.07
CA PHE A 182 -9.06 9.66 30.63
C PHE A 182 -10.19 8.84 29.99
N THR A 183 -10.54 9.21 28.77
CA THR A 183 -11.50 8.54 27.91
C THR A 183 -10.74 8.21 26.58
N TYR A 184 -10.85 6.97 26.16
CA TYR A 184 -10.09 6.64 24.89
C TYR A 184 -10.87 5.73 23.99
N ASN A 185 -10.39 5.71 22.71
CA ASN A 185 -10.95 4.89 21.65
C ASN A 185 -9.78 4.42 20.72
N TYR A 186 -9.99 3.24 20.23
CA TYR A 186 -8.97 2.65 19.26
C TYR A 186 -9.34 3.11 17.86
N THR A 187 -8.32 3.42 17.04
CA THR A 187 -8.64 3.85 15.64
C THR A 187 -7.62 3.21 14.68
N LEU A 188 -8.04 3.13 13.44
CA LEU A 188 -7.14 2.58 12.40
C LEU A 188 -7.09 3.69 11.30
N TRP A 189 -5.91 3.85 10.75
CA TRP A 189 -5.74 4.86 9.67
C TRP A 189 -4.93 4.20 8.53
N THR A 190 -5.28 4.61 7.32
CA THR A 190 -4.49 4.06 6.15
C THR A 190 -4.13 5.29 5.29
N ARG A 191 -3.19 5.02 4.38
CA ARG A 191 -2.67 6.14 3.55
C ARG A 191 -3.70 6.53 2.47
N LYS A 192 -3.78 7.80 2.20
CA LYS A 192 -4.63 8.25 1.06
C LYS A 192 -3.95 7.87 -0.25
N MET B 1 8.65 12.54 1.13
CA MET B 1 8.74 11.05 0.89
C MET B 1 8.76 10.86 -0.62
N LEU B 2 9.68 9.98 -1.09
CA LEU B 2 9.68 9.75 -2.58
C LEU B 2 8.46 8.85 -2.86
N LYS B 3 7.88 9.13 -4.01
CA LYS B 3 6.68 8.33 -4.42
C LYS B 3 6.89 7.97 -5.91
N PRO B 4 6.38 6.80 -6.27
CA PRO B 4 6.48 6.38 -7.70
C PRO B 4 5.45 7.21 -8.51
N ASN B 5 5.74 7.15 -9.81
CA ASN B 5 4.88 7.86 -10.82
C ASN B 5 4.01 6.76 -11.47
N VAL B 6 2.73 6.82 -11.18
CA VAL B 6 1.81 5.72 -11.56
C VAL B 6 0.66 6.20 -12.44
N ALA B 7 0.29 5.37 -13.38
CA ALA B 7 -0.84 5.63 -14.28
C ALA B 7 -1.61 4.32 -14.48
N ILE B 8 -2.92 4.45 -14.71
CA ILE B 8 -3.73 3.29 -15.08
C ILE B 8 -3.83 3.37 -16.66
N ILE B 9 -3.71 2.24 -17.29
CA ILE B 9 -3.91 2.26 -18.79
C ILE B 9 -4.98 1.19 -19.06
N VAL B 10 -6.01 1.60 -19.84
CA VAL B 10 -7.11 0.65 -20.14
C VAL B 10 -7.81 1.05 -21.46
N ALA B 11 -8.44 0.05 -22.05
CA ALA B 11 -9.25 0.30 -23.32
C ALA B 11 -10.69 -0.06 -22.96
N ALA B 12 -11.64 0.85 -23.21
CA ALA B 12 -13.02 0.60 -22.78
C ALA B 12 -14.01 1.00 -23.85
N LEU B 13 -15.12 0.31 -23.86
CA LEU B 13 -16.19 0.60 -24.86
C LEU B 13 -17.19 1.52 -24.23
N LYS B 14 -17.41 2.63 -24.90
CA LYS B 14 -18.43 3.60 -24.45
C LYS B 14 -19.81 3.08 -24.96
N PRO B 15 -20.87 3.48 -24.28
CA PRO B 15 -20.92 4.35 -23.14
C PRO B 15 -20.68 3.76 -21.77
N ALA B 16 -20.89 2.48 -21.58
CA ALA B 16 -20.79 1.76 -20.34
C ALA B 16 -19.42 1.54 -19.79
N LEU B 17 -18.38 1.69 -20.59
CA LEU B 17 -17.01 1.44 -20.09
C LEU B 17 -16.80 -0.03 -19.77
N GLY B 18 -17.23 -0.85 -20.71
CA GLY B 18 -17.05 -2.30 -20.63
C GLY B 18 -15.60 -2.62 -21.03
N ILE B 19 -15.02 -3.56 -20.33
CA ILE B 19 -13.64 -4.00 -20.46
C ILE B 19 -13.36 -5.44 -20.74
N GLY B 20 -14.34 -6.33 -20.54
CA GLY B 20 -13.99 -7.74 -20.78
C GLY B 20 -15.26 -8.59 -20.79
N TYR B 21 -14.99 -9.82 -21.18
CA TYR B 21 -16.09 -10.82 -21.22
C TYR B 21 -15.44 -12.19 -21.10
N LYS B 22 -15.87 -12.91 -20.09
CA LYS B 22 -15.37 -14.27 -19.82
C LYS B 22 -13.88 -14.35 -19.79
N GLY B 23 -13.26 -13.32 -19.18
CA GLY B 23 -11.81 -13.34 -19.01
C GLY B 23 -11.01 -12.88 -20.18
N LYS B 24 -11.68 -12.38 -21.21
CA LYS B 24 -10.84 -11.88 -22.38
C LYS B 24 -11.37 -10.51 -22.77
N MET B 25 -10.59 -9.86 -23.64
CA MET B 25 -11.04 -8.54 -24.13
C MET B 25 -12.01 -8.84 -25.28
N PRO B 26 -13.09 -8.12 -25.31
CA PRO B 26 -14.12 -8.31 -26.32
C PRO B 26 -13.74 -7.90 -27.71
N TRP B 27 -12.55 -7.42 -27.97
CA TRP B 27 -12.14 -6.96 -29.32
C TRP B 27 -10.69 -7.34 -29.56
N ARG B 28 -10.31 -7.27 -30.81
CA ARG B 28 -8.89 -7.50 -31.16
C ARG B 28 -8.55 -6.32 -32.09
N LEU B 29 -7.90 -5.33 -31.48
CA LEU B 29 -7.56 -4.10 -32.19
C LEU B 29 -6.05 -4.01 -32.30
N ARG B 30 -5.65 -4.13 -33.54
CA ARG B 30 -4.25 -4.20 -33.92
C ARG B 30 -3.47 -2.97 -33.61
N LYS B 31 -3.98 -1.80 -33.96
CA LYS B 31 -3.28 -0.55 -33.66
C LYS B 31 -3.26 -0.26 -32.13
N GLU B 32 -4.33 -0.60 -31.46
CA GLU B 32 -4.48 -0.34 -30.00
C GLU B 32 -3.49 -1.17 -29.25
N ILE B 33 -3.28 -2.45 -29.58
CA ILE B 33 -2.26 -3.26 -28.89
C ILE B 33 -0.87 -2.67 -29.09
N ARG B 34 -0.59 -2.19 -30.32
CA ARG B 34 0.71 -1.55 -30.58
C ARG B 34 0.90 -0.31 -29.69
N TYR B 35 -0.10 0.54 -29.59
CA TYR B 35 -0.02 1.72 -28.71
C TYR B 35 0.27 1.26 -27.27
N PHE B 36 -0.50 0.26 -26.83
CA PHE B 36 -0.22 -0.26 -25.45
C PHE B 36 1.24 -0.64 -25.27
N LYS B 37 1.78 -1.43 -26.18
CA LYS B 37 3.17 -1.87 -26.14
C LYS B 37 4.11 -0.67 -26.15
N ASP B 38 3.94 0.26 -27.05
CA ASP B 38 4.78 1.48 -27.12
C ASP B 38 4.81 2.33 -25.87
N VAL B 39 3.62 2.68 -25.37
CA VAL B 39 3.48 3.54 -24.21
C VAL B 39 4.03 2.91 -22.92
N THR B 40 3.74 1.62 -22.75
CA THR B 40 4.22 0.98 -21.47
C THR B 40 5.68 0.66 -21.54
N THR B 41 6.29 0.59 -22.73
CA THR B 41 7.70 0.24 -22.88
C THR B 41 8.60 1.44 -22.90
N ARG B 42 8.17 2.49 -23.54
CA ARG B 42 9.00 3.71 -23.74
C ARG B 42 9.45 4.36 -22.46
N THR B 43 10.74 4.79 -22.49
CA THR B 43 11.37 5.50 -21.40
C THR B 43 12.08 6.74 -21.94
N THR B 44 12.52 7.60 -21.05
CA THR B 44 13.14 8.87 -21.53
C THR B 44 14.62 8.68 -21.79
N LYS B 45 15.21 7.62 -21.33
CA LYS B 45 16.63 7.32 -21.51
C LYS B 45 16.84 5.83 -21.72
N PRO B 46 17.92 5.50 -22.44
CA PRO B 46 18.25 4.11 -22.73
C PRO B 46 18.67 3.46 -21.41
N ASN B 47 18.58 2.16 -21.40
CA ASN B 47 19.02 1.33 -20.27
C ASN B 47 18.20 1.60 -18.99
N THR B 48 16.95 1.94 -19.21
CA THR B 48 15.95 2.11 -18.16
C THR B 48 14.65 1.40 -18.58
N ARG B 49 13.79 1.11 -17.60
CA ARG B 49 12.52 0.37 -17.99
C ARG B 49 11.40 0.87 -17.08
N ASN B 50 10.19 0.42 -17.42
CA ASN B 50 8.99 0.71 -16.62
C ASN B 50 8.49 -0.61 -15.98
N ALA B 51 7.54 -0.47 -15.10
CA ALA B 51 6.91 -1.73 -14.55
C ALA B 51 5.43 -1.77 -14.98
N VAL B 52 4.89 -2.98 -15.05
CA VAL B 52 3.45 -3.19 -15.30
C VAL B 52 2.96 -4.02 -14.10
N ILE B 53 1.85 -3.57 -13.54
CA ILE B 53 1.28 -4.33 -12.37
C ILE B 53 -0.05 -4.89 -12.89
N MET B 54 -0.25 -6.19 -12.58
CA MET B 54 -1.54 -6.82 -13.08
C MET B 54 -2.03 -7.80 -12.01
N GLY B 55 -3.29 -8.11 -12.14
CA GLY B 55 -4.01 -9.09 -11.34
C GLY B 55 -3.61 -10.49 -11.85
N ARG B 56 -3.79 -11.47 -10.95
CA ARG B 56 -3.44 -12.87 -11.32
C ARG B 56 -4.23 -13.37 -12.53
N LYS B 57 -5.50 -12.98 -12.60
CA LYS B 57 -6.33 -13.47 -13.72
C LYS B 57 -5.82 -12.99 -15.06
N THR B 58 -5.51 -11.69 -15.12
CA THR B 58 -4.94 -11.11 -16.36
C THR B 58 -3.64 -11.80 -16.70
N TRP B 59 -2.77 -12.02 -15.71
CA TRP B 59 -1.48 -12.71 -15.99
C TRP B 59 -1.75 -14.07 -16.66
N GLU B 60 -2.60 -14.82 -16.03
CA GLU B 60 -2.90 -16.19 -16.53
C GLU B 60 -3.52 -16.21 -17.88
N SER B 61 -4.11 -15.14 -18.32
CA SER B 61 -4.75 -15.05 -19.64
C SER B 61 -3.74 -14.90 -20.75
N ILE B 62 -2.46 -14.72 -20.40
CA ILE B 62 -1.40 -14.56 -21.41
C ILE B 62 -0.85 -16.01 -21.60
N PRO B 63 -0.86 -16.45 -22.82
CA PRO B 63 -0.28 -17.78 -23.19
C PRO B 63 1.17 -17.77 -22.65
N GLN B 64 1.57 -18.89 -22.04
CA GLN B 64 2.86 -18.98 -21.36
C GLN B 64 4.10 -18.62 -22.14
N LYS B 65 4.02 -18.72 -23.47
CA LYS B 65 5.16 -18.45 -24.36
C LYS B 65 5.32 -16.93 -24.55
N PHE B 66 4.23 -16.23 -24.21
CA PHE B 66 4.22 -14.78 -24.33
C PHE B 66 4.40 -14.01 -23.04
N ARG B 67 4.77 -14.71 -21.99
CA ARG B 67 5.00 -14.04 -20.69
C ARG B 67 6.41 -14.30 -20.26
N PRO B 68 7.03 -13.39 -19.55
CA PRO B 68 6.43 -12.10 -19.09
C PRO B 68 6.32 -11.17 -20.31
N LEU B 69 5.58 -10.08 -20.15
CA LEU B 69 5.51 -9.01 -21.21
C LEU B 69 6.92 -8.46 -21.32
N PRO B 70 7.51 -8.45 -22.52
CA PRO B 70 8.92 -8.09 -22.67
C PRO B 70 9.21 -6.64 -22.43
N ASP B 71 10.45 -6.36 -22.02
CA ASP B 71 11.03 -5.04 -21.85
C ASP B 71 10.45 -4.25 -20.68
N ARG B 72 9.67 -4.96 -19.85
CA ARG B 72 9.11 -4.25 -18.66
C ARG B 72 9.17 -5.21 -17.47
N LEU B 73 9.19 -4.55 -16.28
CA LEU B 73 9.17 -5.41 -15.04
C LEU B 73 7.68 -5.80 -14.84
N ASN B 74 7.42 -7.09 -14.70
CA ASN B 74 6.02 -7.55 -14.55
C ASN B 74 5.81 -7.87 -13.06
N ILE B 75 4.84 -7.29 -12.42
CA ILE B 75 4.48 -7.53 -11.01
C ILE B 75 3.04 -8.12 -11.04
N ILE B 76 2.91 -9.27 -10.42
CA ILE B 76 1.57 -9.95 -10.45
C ILE B 76 1.07 -10.05 -9.01
N LEU B 77 -0.20 -9.70 -8.83
CA LEU B 77 -0.83 -9.72 -7.51
C LEU B 77 -1.71 -10.99 -7.37
N SER B 78 -1.64 -11.54 -6.17
CA SER B 78 -2.53 -12.68 -5.81
C SER B 78 -2.53 -12.66 -4.27
N ARG B 79 -3.73 -12.85 -3.72
CA ARG B 79 -3.80 -12.93 -2.24
C ARG B 79 -3.13 -14.21 -1.75
N SER B 80 -2.75 -15.14 -2.56
CA SER B 80 -2.10 -16.39 -2.18
C SER B 80 -0.59 -16.36 -2.29
N TYR B 81 -0.11 -15.20 -2.78
CA TYR B 81 1.35 -15.10 -2.94
C TYR B 81 2.06 -14.63 -1.71
N GLU B 82 3.33 -14.98 -1.69
CA GLU B 82 4.32 -14.43 -0.75
C GLU B 82 5.07 -13.39 -1.63
N ASN B 83 5.47 -12.28 -1.08
CA ASN B 83 6.31 -11.30 -1.86
C ASN B 83 7.57 -12.03 -2.30
N GLU B 84 7.82 -12.10 -3.57
CA GLU B 84 9.03 -12.85 -4.02
C GLU B 84 9.46 -12.36 -5.41
N ILE B 85 10.79 -12.20 -5.49
CA ILE B 85 11.35 -11.82 -6.82
C ILE B 85 11.72 -13.17 -7.51
N ILE B 86 11.01 -13.44 -8.60
CA ILE B 86 11.29 -14.71 -9.31
C ILE B 86 12.60 -14.57 -10.08
N ASP B 87 12.61 -13.52 -10.90
CA ASP B 87 13.85 -13.21 -11.70
C ASP B 87 13.82 -11.67 -11.95
N ASP B 88 14.68 -11.22 -12.83
CA ASP B 88 14.75 -9.79 -13.16
C ASP B 88 13.47 -9.25 -13.79
N ASN B 89 12.62 -10.09 -14.33
CA ASN B 89 11.39 -9.59 -14.99
C ASN B 89 10.08 -9.90 -14.32
N ILE B 90 10.12 -10.78 -13.31
CA ILE B 90 8.83 -11.17 -12.68
C ILE B 90 8.92 -11.03 -11.19
N ILE B 91 7.95 -10.40 -10.59
CA ILE B 91 7.84 -10.30 -9.14
C ILE B 91 6.36 -10.69 -8.79
N HIS B 92 6.27 -11.43 -7.68
CA HIS B 92 4.94 -11.77 -7.10
C HIS B 92 4.78 -10.87 -5.88
N ALA B 93 3.56 -10.34 -5.73
CA ALA B 93 3.27 -9.45 -4.60
C ALA B 93 1.90 -9.89 -4.00
N SER B 94 1.91 -9.83 -2.66
CA SER B 94 0.68 -10.28 -1.94
C SER B 94 -0.29 -9.19 -1.64
N SER B 95 0.05 -7.93 -1.89
CA SER B 95 -0.93 -6.83 -1.62
C SER B 95 -0.62 -5.66 -2.56
N ILE B 96 -1.58 -4.75 -2.66
CA ILE B 96 -1.32 -3.55 -3.49
C ILE B 96 -0.18 -2.73 -2.92
N GLU B 97 -0.16 -2.59 -1.58
CA GLU B 97 0.85 -1.82 -0.86
C GLU B 97 2.23 -2.33 -1.12
N SER B 98 2.36 -3.68 -1.13
CA SER B 98 3.64 -4.30 -1.43
C SER B 98 4.07 -4.02 -2.88
N SER B 99 3.10 -4.14 -3.77
CA SER B 99 3.42 -3.97 -5.23
C SER B 99 4.03 -2.58 -5.46
N LEU B 100 3.54 -1.57 -4.75
CA LEU B 100 4.03 -0.18 -4.95
C LEU B 100 5.33 0.10 -4.25
N ASN B 101 5.80 -0.86 -3.48
CA ASN B 101 7.05 -0.90 -2.75
C ASN B 101 8.10 -1.76 -3.47
N LEU B 102 7.71 -2.29 -4.62
CA LEU B 102 8.63 -3.15 -5.40
C LEU B 102 8.96 -2.55 -6.76
N VAL B 103 8.92 -1.20 -6.84
CA VAL B 103 9.18 -0.55 -8.17
C VAL B 103 10.27 0.51 -8.07
N SER B 104 11.25 0.26 -7.17
CA SER B 104 12.32 1.26 -6.94
C SER B 104 13.28 1.44 -8.13
N ASP B 105 13.39 0.48 -9.00
CA ASP B 105 14.31 0.49 -10.13
C ASP B 105 13.70 0.91 -11.46
N VAL B 106 12.48 1.43 -11.45
CA VAL B 106 11.85 1.77 -12.77
C VAL B 106 11.54 3.24 -12.86
N GLU B 107 11.18 3.66 -14.12
CA GLU B 107 10.82 5.04 -14.35
C GLU B 107 9.34 5.30 -14.07
N ARG B 108 8.46 4.66 -14.81
CA ARG B 108 7.02 4.81 -14.62
C ARG B 108 6.43 3.42 -14.24
N VAL B 109 5.33 3.53 -13.56
CA VAL B 109 4.58 2.32 -13.19
C VAL B 109 3.23 2.39 -13.90
N PHE B 110 2.86 1.31 -14.54
CA PHE B 110 1.58 1.17 -15.24
C PHE B 110 0.70 0.07 -14.61
N ILE B 111 -0.51 0.54 -14.26
CA ILE B 111 -1.50 -0.47 -13.81
C ILE B 111 -2.20 -0.97 -15.05
N ILE B 112 -2.07 -2.23 -15.42
CA ILE B 112 -2.63 -2.75 -16.65
C ILE B 112 -3.87 -3.61 -16.57
N GLY B 113 -4.43 -3.78 -15.39
CA GLY B 113 -5.71 -4.59 -15.33
C GLY B 113 -5.56 -5.75 -14.34
N GLY B 114 -6.62 -6.54 -14.13
CA GLY B 114 -7.94 -6.36 -14.76
C GLY B 114 -8.87 -5.54 -13.85
N ALA B 115 -10.19 -5.77 -14.02
CA ALA B 115 -11.22 -5.03 -13.34
C ALA B 115 -11.04 -4.81 -11.88
N GLU B 116 -10.77 -5.93 -11.17
CA GLU B 116 -10.64 -5.83 -9.70
C GLU B 116 -9.52 -4.88 -9.35
N ILE B 117 -8.37 -5.08 -9.98
CA ILE B 117 -7.20 -4.22 -9.73
C ILE B 117 -7.51 -2.76 -9.97
N TYR B 118 -8.05 -2.48 -11.20
CA TYR B 118 -8.43 -1.10 -11.53
C TYR B 118 -9.32 -0.48 -10.43
N ASN B 119 -10.33 -1.23 -10.04
CA ASN B 119 -11.30 -0.71 -9.02
C ASN B 119 -10.68 -0.49 -7.71
N GLU B 120 -9.62 -1.20 -7.36
CA GLU B 120 -8.88 -1.02 -6.15
C GLU B 120 -7.90 0.17 -6.22
N LEU B 121 -7.41 0.47 -7.41
CA LEU B 121 -6.34 1.49 -7.50
C LEU B 121 -6.77 2.86 -7.82
N ILE B 122 -7.99 2.99 -8.33
CA ILE B 122 -8.52 4.26 -8.85
C ILE B 122 -8.55 5.37 -7.83
N ASN B 123 -8.79 5.00 -6.59
CA ASN B 123 -8.84 5.99 -5.49
C ASN B 123 -7.54 6.18 -4.74
N ASN B 124 -6.49 5.55 -5.21
CA ASN B 124 -5.18 5.67 -4.53
C ASN B 124 -4.54 6.98 -5.01
N SER B 125 -4.14 7.81 -4.10
CA SER B 125 -3.50 9.11 -4.38
C SER B 125 -2.25 8.93 -5.20
N LEU B 126 -1.62 7.77 -5.24
CA LEU B 126 -0.43 7.58 -6.08
C LEU B 126 -0.81 7.61 -7.58
N VAL B 127 -1.97 7.21 -7.95
CA VAL B 127 -2.36 7.18 -9.41
C VAL B 127 -2.66 8.61 -9.83
N SER B 128 -1.83 9.17 -10.71
CA SER B 128 -2.12 10.59 -11.08
C SER B 128 -2.53 10.73 -12.53
N HIS B 129 -2.57 9.69 -13.30
CA HIS B 129 -3.02 9.70 -14.71
C HIS B 129 -3.85 8.49 -15.09
N LEU B 130 -4.87 8.64 -15.91
CA LEU B 130 -5.60 7.55 -16.50
C LEU B 130 -5.37 7.70 -18.05
N LEU B 131 -4.93 6.63 -18.64
CA LEU B 131 -4.81 6.65 -20.14
C LEU B 131 -5.93 5.71 -20.59
N ILE B 132 -6.97 6.30 -21.12
CA ILE B 132 -8.16 5.52 -21.48
C ILE B 132 -8.32 5.62 -23.03
N THR B 133 -8.33 4.40 -23.59
CA THR B 133 -8.64 4.33 -25.04
C THR B 133 -10.21 4.24 -25.05
N GLU B 134 -10.80 5.29 -25.57
CA GLU B 134 -12.31 5.30 -25.66
C GLU B 134 -12.72 4.73 -26.98
N ILE B 135 -13.37 3.58 -26.90
CA ILE B 135 -13.82 2.83 -28.08
C ILE B 135 -15.32 3.05 -28.30
N GLU B 136 -15.65 3.24 -29.56
CA GLU B 136 -17.08 3.40 -29.93
C GLU B 136 -17.41 2.40 -31.04
N HIS B 137 -18.70 2.05 -31.03
CA HIS B 137 -19.18 1.05 -32.02
C HIS B 137 -20.63 1.44 -32.33
N PRO B 138 -21.06 1.16 -33.57
CA PRO B 138 -22.45 1.51 -33.95
C PRO B 138 -23.51 0.88 -33.09
N SER B 139 -23.35 -0.23 -32.46
CA SER B 139 -24.34 -0.93 -31.63
C SER B 139 -23.61 -1.68 -30.52
N PRO B 140 -23.17 -0.87 -29.57
CA PRO B 140 -22.39 -1.36 -28.42
C PRO B 140 -23.10 -2.46 -27.66
N GLU B 141 -24.43 -2.35 -27.66
CA GLU B 141 -25.30 -3.33 -26.99
C GLU B 141 -25.11 -4.73 -27.51
N SER B 142 -24.60 -4.85 -28.73
CA SER B 142 -24.35 -6.09 -29.41
C SER B 142 -23.06 -6.78 -28.95
N ILE B 143 -22.22 -6.03 -28.26
CA ILE B 143 -20.93 -6.61 -27.80
C ILE B 143 -21.18 -7.09 -26.36
N GLU B 144 -20.95 -8.38 -26.21
CA GLU B 144 -21.17 -9.05 -24.92
C GLU B 144 -20.05 -8.75 -23.94
N MET B 145 -20.42 -8.40 -22.72
CA MET B 145 -19.45 -8.15 -21.65
C MET B 145 -19.97 -8.31 -20.22
N ASP B 146 -19.05 -8.67 -19.35
CA ASP B 146 -19.30 -8.91 -17.94
C ASP B 146 -18.45 -8.15 -16.94
N THR B 147 -17.56 -7.32 -17.40
CA THR B 147 -16.56 -6.58 -16.61
C THR B 147 -16.59 -5.13 -17.05
N PHE B 148 -16.68 -4.20 -16.14
CA PHE B 148 -16.80 -2.77 -16.44
C PHE B 148 -15.89 -1.95 -15.48
N LEU B 149 -15.61 -0.74 -15.93
CA LEU B 149 -14.82 0.13 -15.03
C LEU B 149 -15.87 0.86 -14.13
N LYS B 150 -15.42 1.11 -12.93
CA LYS B 150 -16.28 1.90 -11.97
C LYS B 150 -15.41 3.07 -11.48
N PHE B 151 -15.18 3.99 -12.40
CA PHE B 151 -14.34 5.19 -12.09
C PHE B 151 -15.24 6.42 -11.94
N PRO B 152 -14.92 7.22 -10.95
CA PRO B 152 -15.71 8.47 -10.68
C PRO B 152 -15.08 9.55 -11.58
N LEU B 153 -15.42 9.40 -12.86
CA LEU B 153 -14.89 10.26 -13.92
C LEU B 153 -15.18 11.72 -13.69
N GLU B 154 -16.19 12.00 -12.89
CA GLU B 154 -16.52 13.38 -12.48
C GLU B 154 -15.41 14.01 -11.67
N SER B 155 -14.56 13.24 -11.05
CA SER B 155 -13.39 13.59 -10.26
C SER B 155 -12.07 13.60 -11.03
N TRP B 156 -12.16 13.44 -12.33
CA TRP B 156 -11.00 13.50 -13.24
C TRP B 156 -11.35 14.47 -14.38
N THR B 157 -10.32 14.98 -15.05
CA THR B 157 -10.51 15.90 -16.14
C THR B 157 -9.75 15.31 -17.37
N LYS B 158 -10.49 15.32 -18.47
CA LYS B 158 -9.84 14.85 -19.73
C LYS B 158 -8.96 15.96 -20.25
N GLN B 159 -7.69 15.74 -20.44
CA GLN B 159 -6.75 16.74 -20.94
C GLN B 159 -6.79 16.84 -22.48
N PRO B 160 -6.27 17.98 -22.97
CA PRO B 160 -6.14 18.18 -24.42
C PRO B 160 -5.15 17.15 -24.95
N LYS B 161 -5.27 16.87 -26.22
CA LYS B 161 -4.36 15.96 -26.95
C LYS B 161 -2.91 16.34 -26.75
N SER B 162 -2.56 17.62 -26.73
CA SER B 162 -1.20 18.08 -26.58
C SER B 162 -0.57 17.53 -25.27
N GLU B 163 -1.41 17.39 -24.25
CA GLU B 163 -0.91 16.84 -22.97
C GLU B 163 -0.60 15.36 -23.06
N LEU B 164 -1.44 14.68 -23.81
CA LEU B 164 -1.21 13.24 -24.07
C LEU B 164 0.06 13.07 -24.89
N GLN B 165 0.17 13.90 -25.93
CA GLN B 165 1.36 13.86 -26.79
C GLN B 165 2.63 14.08 -25.96
N LYS B 166 2.59 14.94 -24.99
CA LYS B 166 3.80 15.18 -24.13
C LYS B 166 4.15 13.95 -23.33
N PHE B 167 3.12 13.28 -22.87
CA PHE B 167 3.25 12.06 -22.04
C PHE B 167 3.90 10.95 -22.83
N VAL B 168 3.50 10.75 -24.07
CA VAL B 168 3.90 9.64 -24.92
C VAL B 168 5.15 9.87 -25.76
N GLY B 169 5.66 11.07 -25.80
CA GLY B 169 6.87 11.38 -26.54
C GLY B 169 6.60 11.38 -28.06
N ASP B 170 7.42 10.58 -28.72
CA ASP B 170 7.38 10.47 -30.18
C ASP B 170 6.20 9.72 -30.73
N THR B 171 5.52 8.91 -29.94
CA THR B 171 4.42 8.07 -30.36
C THR B 171 3.39 8.83 -31.19
N VAL B 172 3.11 8.28 -32.36
CA VAL B 172 2.11 8.90 -33.27
C VAL B 172 0.72 8.60 -32.73
N LEU B 173 -0.04 9.68 -32.62
CA LEU B 173 -1.41 9.64 -32.13
C LEU B 173 -2.40 10.05 -33.23
N GLU B 174 -2.96 9.03 -33.85
CA GLU B 174 -3.99 9.30 -34.91
C GLU B 174 -5.32 9.46 -34.26
N ASP B 175 -6.18 10.30 -34.81
CA ASP B 175 -7.52 10.48 -34.24
C ASP B 175 -8.49 9.50 -34.95
N ASP B 176 -9.58 9.21 -34.29
CA ASP B 176 -10.70 8.43 -34.87
C ASP B 176 -10.24 7.26 -35.69
N ILE B 177 -9.45 6.41 -35.02
CA ILE B 177 -8.90 5.21 -35.68
C ILE B 177 -10.00 4.20 -35.93
N LYS B 178 -10.07 3.73 -37.22
CA LYS B 178 -11.06 2.68 -37.53
C LYS B 178 -10.44 1.34 -37.67
N GLU B 179 -11.08 0.33 -37.07
CA GLU B 179 -10.67 -1.08 -37.31
C GLU B 179 -11.96 -1.90 -37.32
N GLY B 180 -12.34 -2.40 -38.49
CA GLY B 180 -13.66 -3.14 -38.55
C GLY B 180 -14.72 -2.09 -38.25
N ASP B 181 -15.64 -2.39 -37.37
CA ASP B 181 -16.71 -1.52 -36.92
C ASP B 181 -16.41 -0.63 -35.72
N PHE B 182 -15.23 -0.75 -35.14
CA PHE B 182 -14.83 0.10 -33.99
C PHE B 182 -14.09 1.38 -34.46
N THR B 183 -14.35 2.43 -33.73
CA THR B 183 -13.66 3.75 -33.93
C THR B 183 -13.16 4.12 -32.52
N TYR B 184 -11.88 4.50 -32.42
CA TYR B 184 -11.33 4.82 -31.10
C TYR B 184 -10.34 5.97 -31.11
N ASN B 185 -10.18 6.49 -29.87
CA ASN B 185 -9.26 7.61 -29.65
C ASN B 185 -8.49 7.36 -28.31
N TYR B 186 -7.30 7.84 -28.31
CA TYR B 186 -6.50 7.75 -26.99
C TYR B 186 -6.75 8.99 -26.19
N THR B 187 -6.85 8.90 -24.88
CA THR B 187 -7.11 10.11 -24.03
C THR B 187 -6.28 10.03 -22.75
N LEU B 188 -6.01 11.19 -22.21
CA LEU B 188 -5.30 11.34 -20.94
C LEU B 188 -6.19 12.10 -19.96
N TRP B 189 -6.22 11.64 -18.71
CA TRP B 189 -7.06 12.36 -17.68
C TRP B 189 -6.13 12.54 -16.44
N THR B 190 -6.37 13.63 -15.73
CA THR B 190 -5.69 13.93 -14.48
C THR B 190 -6.79 14.25 -13.47
N ARG B 191 -6.42 14.26 -12.19
CA ARG B 191 -7.37 14.49 -11.10
C ARG B 191 -7.86 15.92 -10.99
N LYS B 192 -9.12 16.04 -10.60
CA LYS B 192 -9.74 17.34 -10.33
C LYS B 192 -9.45 17.74 -8.88
P PO4 C . 3.03 -6.82 26.93
O1 PO4 C . 1.68 -6.67 27.63
O2 PO4 C . 3.95 -5.82 27.64
O3 PO4 C . 2.91 -6.54 25.55
O4 PO4 C . 3.54 -8.22 27.25
PA NDP D . 13.25 5.39 21.15
O1A NDP D . 12.55 5.94 19.97
O2A NDP D . 12.57 4.19 21.72
O5B NDP D . 14.79 5.06 20.91
C5B NDP D . 15.63 6.01 20.20
C4B NDP D . 16.88 5.23 19.77
O4B NDP D . 16.55 4.32 18.72
C3B NDP D . 17.98 6.15 19.14
O3B NDP D . 18.74 6.71 20.22
C2B NDP D . 18.75 5.06 18.27
O2B NDP D . 19.51 4.14 19.08
C1B NDP D . 17.56 4.23 17.78
N9A NDP D . 17.03 4.70 16.55
C8A NDP D . 16.19 5.75 16.43
N7A NDP D . 15.84 5.99 15.16
C5A NDP D . 16.54 5.05 14.47
C6A NDP D . 16.57 4.79 13.09
N6A NDP D . 15.86 5.56 12.23
N1A NDP D . 17.30 3.75 12.72
C2A NDP D . 18.04 3.04 13.62
N3A NDP D . 18.07 3.22 14.93
C4A NDP D . 17.27 4.22 15.29
O3 NDP D . 13.34 6.50 22.21
PN NDP D . 12.78 7.95 22.55
O1N NDP D . 13.44 8.51 23.72
O2N NDP D . 12.72 8.82 21.34
O5D NDP D . 11.22 7.65 22.94
C5D NDP D . 10.94 7.30 24.32
C4D NDP D . 9.61 7.94 24.70
O4D NDP D . 8.53 7.37 23.90
C3D NDP D . 9.25 7.65 26.20
O3D NDP D . 8.70 8.86 26.75
C2D NDP D . 8.28 6.49 26.01
O2D NDP D . 7.36 6.43 27.12
C1D NDP D . 7.52 6.91 24.75
N1N NDP D . 6.72 5.79 24.17
C2N NDP D . 5.35 6.06 24.11
C3N NDP D . 4.52 5.06 23.68
C7N NDP D . 2.99 5.38 23.64
O7N NDP D . 2.29 4.53 23.07
N7N NDP D . 2.53 6.55 24.13
C4N NDP D . 4.95 3.80 23.16
C5N NDP D . 6.36 3.64 23.29
C6N NDP D . 7.25 4.56 23.76
P2B NDP D . 21.15 4.57 19.17
O1X NDP D . 21.67 3.35 19.91
O2X NDP D . 21.45 4.73 17.76
O3X NDP D . 21.09 5.81 19.98
C1 TQ3 E . 0.91 0.64 24.50
C2 TQ3 E . 2.12 0.57 23.79
C3 TQ3 E . 2.05 0.91 22.35
N4 TQ3 E . 0.93 1.24 21.78
C5 TQ3 E . -0.25 1.19 22.42
N6 TQ3 E . -0.30 1.01 23.80
N7 TQ3 E . 3.09 0.96 21.56
C8 TQ3 E . 0.85 0.38 25.86
C9 TQ3 E . 2.05 0.02 26.55
C12 TQ3 E . 3.27 -0.08 25.86
C13 TQ3 E . 3.30 0.19 24.51
N14 TQ3 E . -1.40 1.53 21.89
S20 TQ3 E . 4.87 -0.01 23.69
C22 TQ3 E . 6.09 -0.06 25.03
C23 TQ3 E . 6.38 1.06 25.78
C24 TQ3 E . 7.36 1.00 26.79
C25 TQ3 E . 8.04 -0.22 26.99
C26 TQ3 E . 7.78 -1.35 26.22
C27 TQ3 E . 6.79 -1.30 25.21
P PO4 F . 2.73 -6.45 -25.63
O1 PO4 F . 2.70 -5.30 -24.69
O2 PO4 F . 2.47 -5.95 -27.04
O3 PO4 F . 1.60 -7.42 -25.27
O4 PO4 F . 4.03 -7.19 -25.59
PA NDP G . -7.76 -9.30 -12.38
O1A NDP G . -8.06 -7.97 -11.86
O2A NDP G . -6.90 -9.51 -13.53
O5B NDP G . -7.16 -10.28 -11.24
C5B NDP G . -7.91 -10.37 -10.00
C4B NDP G . -7.05 -11.16 -9.00
O4B NDP G . -5.99 -10.31 -8.56
C3B NDP G . -7.80 -11.53 -7.69
O3B NDP G . -8.63 -12.69 -7.96
C2B NDP G . -6.54 -11.79 -6.78
O2B NDP G . -5.76 -12.97 -7.09
C1B NDP G . -5.67 -10.59 -7.25
N9A NDP G . -5.87 -9.46 -6.41
C8A NDP G . -6.85 -8.52 -6.53
N7A NDP G . -6.79 -7.63 -5.55
C5A NDP G . -5.71 -8.01 -4.78
C6A NDP G . -5.15 -7.44 -3.62
N6A NDP G . -5.59 -6.37 -2.97
N1A NDP G . -4.05 -8.10 -3.12
C2A NDP G . -3.60 -9.21 -3.76
N3A NDP G . -4.05 -9.79 -4.84
C4A NDP G . -5.13 -9.12 -5.32
O3 NDP G . -9.13 -10.03 -12.73
PN NDP G . -10.60 -9.52 -13.15
O1N NDP G . -11.40 -10.83 -13.34
O2N NDP G . -11.20 -8.65 -12.15
O5D NDP G . -10.41 -8.86 -14.54
C5D NDP G . -9.98 -9.59 -15.70
C4D NDP G . -10.77 -9.07 -16.90
O4D NDP G . -10.32 -7.73 -17.23
C3D NDP G . -10.64 -9.93 -18.18
O3D NDP G . -11.91 -9.88 -18.89
C2D NDP G . -9.55 -9.13 -18.92
O2D NDP G . -9.45 -9.46 -20.29
C1D NDP G . -10.02 -7.71 -18.63
N1N NDP G . -8.93 -6.70 -18.91
C2N NDP G . -9.29 -5.68 -19.81
C3N NDP G . -8.37 -4.74 -20.12
C7N NDP G . -8.72 -3.59 -21.13
O7N NDP G . -7.86 -2.74 -21.30
N7N NDP G . -9.97 -3.59 -21.68
C4N NDP G . -7.06 -4.74 -19.62
C5N NDP G . -6.80 -5.84 -18.74
C6N NDP G . -7.67 -6.83 -18.36
P2B NDP G . -6.15 -14.39 -6.33
O1X NDP G . -5.06 -15.31 -6.84
O2X NDP G . -6.09 -14.07 -4.90
O3X NDP G . -7.49 -14.74 -6.79
C1 TQ3 H . -4.40 -2.99 -24.02
C2 TQ3 H . -4.21 -3.36 -22.67
C3 TQ3 H . -4.40 -2.36 -21.66
N4 TQ3 H . -4.70 -1.12 -21.97
C5 TQ3 H . -4.84 -0.72 -23.25
N6 TQ3 H . -4.76 -1.59 -24.29
N7 TQ3 H . -4.28 -2.47 -20.32
C8 TQ3 H . -4.24 -3.87 -25.08
C9 TQ3 H . -3.88 -5.20 -24.79
C12 TQ3 H . -3.70 -5.62 -23.46
C13 TQ3 H . -3.83 -4.75 -22.45
N14 TQ3 H . -5.11 0.54 -23.61
S20 TQ3 H . -3.44 -5.26 -20.77
C22 TQ3 H . -3.47 -7.04 -20.88
C23 TQ3 H . -4.68 -7.68 -21.02
C24 TQ3 H . -4.74 -9.10 -21.07
C25 TQ3 H . -3.53 -9.81 -20.87
C26 TQ3 H . -2.31 -9.17 -20.73
C27 TQ3 H . -2.24 -7.73 -20.68
#